data_6FMD
#
_entry.id   6FMD
#
_cell.length_a   90.441
_cell.length_b   90.441
_cell.length_c   122.446
_cell.angle_alpha   90.000
_cell.angle_beta   90.000
_cell.angle_gamma   120.000
#
_symmetry.space_group_name_H-M   'P 32 2 1'
#
loop_
_entity.id
_entity.type
_entity.pdbx_description
1 polymer 'Dihydroorotate dehydrogenase (quinone), mitochondrial'
2 non-polymer 2-oxidanyl-~{N}-[2,3,5,6-tetrakis(fluoranyl)-4-phenyl-phenyl]pyrazolo[1,5-a]pyridine-3-carboxamide
3 non-polymer 'CHLORIDE ION'
4 non-polymer 'FLAVIN MONONUCLEOTIDE'
5 non-polymer 'ACETATE ION'
6 non-polymer 'OROTIC ACID'
7 non-polymer GLYCEROL
8 non-polymer 'TRIETHYLENE GLYCOL'
9 water water
#
_entity_poly.entity_id   1
_entity_poly.type   'polypeptide(L)'
_entity_poly.pdbx_seq_one_letter_code
;MAWRHLKKRAQDAVIILGGGGLLFASYLMATGDERFYAEHLMPTLQGLLDPESAHRLAVRFTSLGLLPRARFQDSDMLEV
RVLGHKFRNPVGIAAGFDKHGEAVDGLYKMGFGFVEIGSVTPKPQEGNPRPRVFRLPEDQAVINRYGFNSHGLSVVEHRL
RARQQKQAKLTEDGLPLGVNLGKNKTSVDAAEDYAEGVRVLGPLADYLVVNVSSPNTAGLRSLQGKAELRRLLTKVLQER
DGLRRVHRPAVLVKIAPDLTSQDKEDIASVVKELGIDGLIVTNTTVSRPAGLQGALRSETGGLSGKPLRDLSTQTIREMY
ALTQGRVPIIGVGGVSSGQDALEKIRAGASLVQLYTALTFWGPPVVGKVKRELEALLKEQGFGGVTDAIGADHRR
;
_entity_poly.pdbx_strand_id   A
#
loop_
_chem_comp.id
_chem_comp.type
_chem_comp.name
_chem_comp.formula
ACT non-polymer 'ACETATE ION' 'C2 H3 O2 -1'
CL non-polymer 'CHLORIDE ION' 'Cl -1'
DUH non-polymer 2-oxidanyl-~{N}-[2,3,5,6-tetrakis(fluoranyl)-4-phenyl-phenyl]pyrazolo[1,5-a]pyridine-3-carboxamide 'C20 H11 F4 N3 O2'
FMN non-polymer 'FLAVIN MONONUCLEOTIDE' 'C17 H21 N4 O9 P'
GOL non-polymer GLYCEROL 'C3 H8 O3'
ORO non-polymer 'OROTIC ACID' 'C5 H4 N2 O4'
PGE non-polymer 'TRIETHYLENE GLYCOL' 'C6 H14 O4'
#
# COMPACT_ATOMS: atom_id res chain seq x y z
N ALA A 30 9.52 20.33 -11.33
CA ALA A 30 9.66 21.20 -10.14
C ALA A 30 8.59 22.31 -10.16
N THR A 31 7.34 21.96 -9.83
CA THR A 31 6.24 22.92 -10.02
C THR A 31 6.17 23.90 -8.84
N GLY A 32 5.34 24.93 -9.03
CA GLY A 32 5.08 25.92 -7.98
C GLY A 32 4.43 25.26 -6.77
N ASP A 33 3.41 24.46 -7.03
CA ASP A 33 2.70 23.71 -6.01
C ASP A 33 3.65 22.77 -5.22
N GLU A 34 4.50 21.99 -5.90
CA GLU A 34 5.41 21.06 -5.18
C GLU A 34 6.26 21.80 -4.18
N ARG A 35 6.88 22.89 -4.63
CA ARG A 35 7.72 23.70 -3.76
C ARG A 35 6.94 24.37 -2.60
N PHE A 36 5.77 24.93 -2.93
CA PHE A 36 4.98 25.64 -1.92
C PHE A 36 4.50 24.68 -0.82
N TYR A 37 4.07 23.49 -1.23
CA TYR A 37 3.63 22.48 -0.27
C TYR A 37 4.77 21.98 0.59
N ALA A 38 5.89 21.66 -0.06
CA ALA A 38 7.01 21.08 0.64
C ALA A 38 7.69 22.07 1.56
N GLU A 39 7.79 23.33 1.15
CA GLU A 39 8.55 24.35 1.92
C GLU A 39 7.72 25.19 2.88
N HIS A 40 6.42 25.35 2.64
CA HIS A 40 5.59 26.27 3.42
C HIS A 40 4.35 25.62 4.02
N LEU A 41 3.49 25.03 3.21
CA LEU A 41 2.21 24.57 3.73
C LEU A 41 2.38 23.37 4.64
N MET A 42 3.07 22.32 4.17
CA MET A 42 3.17 21.14 4.99
C MET A 42 3.95 21.37 6.30
N PRO A 43 5.13 22.04 6.25
CA PRO A 43 5.81 22.31 7.54
C PRO A 43 4.94 23.13 8.51
N THR A 44 4.13 24.05 7.97
CA THR A 44 3.25 24.85 8.82
C THR A 44 2.18 23.98 9.45
N LEU A 45 1.50 23.14 8.65
CA LEU A 45 0.49 22.23 9.21
C LEU A 45 1.11 21.27 10.21
N GLN A 46 2.27 20.73 9.90
CA GLN A 46 2.90 19.78 10.83
C GLN A 46 3.39 20.47 12.11
N GLY A 47 3.74 21.76 12.05
CA GLY A 47 4.06 22.50 13.25
C GLY A 47 2.84 22.79 14.12
N LEU A 48 1.66 22.87 13.52
CA LEU A 48 0.42 23.17 14.25
C LEU A 48 -0.33 21.92 14.72
N LEU A 49 -0.19 20.81 14.00
CA LEU A 49 -1.01 19.63 14.26
C LEU A 49 -0.15 18.38 14.51
N ASP A 50 -0.47 17.68 15.59
CA ASP A 50 0.10 16.37 15.83
C ASP A 50 -0.26 15.47 14.61
N PRO A 51 0.51 14.41 14.40
CA PRO A 51 0.31 13.61 13.19
C PRO A 51 -1.05 12.92 13.07
N GLU A 52 -1.62 12.43 14.15
CA GLU A 52 -2.98 11.85 14.03
C GLU A 52 -4.03 12.92 13.65
N SER A 53 -3.95 14.09 14.27
CA SER A 53 -4.85 15.19 13.90
C SER A 53 -4.65 15.60 12.43
N ALA A 54 -3.39 15.65 11.99
CA ALA A 54 -3.10 16.02 10.60
C ALA A 54 -3.67 14.96 9.65
N HIS A 55 -3.51 13.69 10.03
CA HIS A 55 -4.04 12.56 9.25
C HIS A 55 -5.56 12.69 9.06
N ARG A 56 -6.25 12.95 10.14
CA ARG A 56 -7.70 13.15 10.06
C ARG A 56 -8.10 14.33 9.19
N LEU A 57 -7.38 15.45 9.31
CA LEU A 57 -7.64 16.62 8.47
C LEU A 57 -7.37 16.31 7.01
N ALA A 58 -6.28 15.59 6.75
CA ALA A 58 -5.95 15.19 5.38
C ALA A 58 -7.04 14.33 4.72
N VAL A 59 -7.56 13.39 5.51
CA VAL A 59 -8.65 12.55 5.02
C VAL A 59 -9.87 13.44 4.72
N ARG A 60 -10.18 14.37 5.61
CA ARG A 60 -11.35 15.24 5.42
C ARG A 60 -11.19 16.10 4.15
N PHE A 61 -10.05 16.78 4.02
CA PHE A 61 -9.78 17.61 2.83
C PHE A 61 -9.88 16.78 1.56
N THR A 62 -9.29 15.59 1.61
CA THR A 62 -9.25 14.71 0.41
C THR A 62 -10.65 14.28 0.04
N SER A 63 -11.44 13.88 1.04
N SER A 63 -11.43 13.87 1.04
CA SER A 63 -12.82 13.42 0.80
CA SER A 63 -12.82 13.42 0.86
C SER A 63 -13.66 14.52 0.19
C SER A 63 -13.72 14.50 0.28
N LEU A 64 -13.40 15.77 0.56
CA LEU A 64 -14.12 16.92 0.00
C LEU A 64 -13.57 17.39 -1.35
N GLY A 65 -12.44 16.83 -1.81
CA GLY A 65 -11.83 17.26 -3.08
C GLY A 65 -11.10 18.59 -3.00
N LEU A 66 -10.73 19.00 -1.79
CA LEU A 66 -10.00 20.28 -1.56
C LEU A 66 -8.52 19.97 -1.74
N LEU A 67 -8.12 19.97 -3.02
CA LEU A 67 -6.83 19.47 -3.45
C LEU A 67 -6.20 20.41 -4.45
N PRO A 68 -4.85 20.51 -4.46
CA PRO A 68 -4.21 21.23 -5.56
C PRO A 68 -4.47 20.51 -6.89
N ARG A 69 -4.42 21.24 -8.00
CA ARG A 69 -4.72 20.64 -9.30
C ARG A 69 -3.65 19.61 -9.66
N ALA A 70 -4.08 18.43 -10.12
CA ALA A 70 -3.14 17.39 -10.53
C ALA A 70 -2.83 17.61 -12.01
N ARG A 71 -1.85 18.48 -12.27
CA ARG A 71 -1.50 18.92 -13.64
C ARG A 71 -0.87 17.84 -14.55
N PHE A 72 -0.26 16.82 -13.96
CA PHE A 72 0.39 15.73 -14.72
C PHE A 72 -0.63 14.80 -15.43
N GLN A 73 -0.47 14.62 -16.74
CA GLN A 73 -1.33 13.71 -17.52
C GLN A 73 -0.58 12.40 -17.68
N ASP A 74 -1.18 11.29 -17.27
CA ASP A 74 -0.51 10.00 -17.36
C ASP A 74 -0.29 9.65 -18.82
N SER A 75 0.96 9.38 -19.19
CA SER A 75 1.22 8.88 -20.53
C SER A 75 1.07 7.37 -20.58
N ASP A 76 1.00 6.90 -21.81
CA ASP A 76 0.93 5.46 -22.14
C ASP A 76 2.06 4.70 -21.51
N MET A 77 3.23 5.32 -21.34
CA MET A 77 4.36 4.54 -20.86
C MET A 77 4.22 4.16 -19.38
N LEU A 78 3.27 4.79 -18.69
CA LEU A 78 3.01 4.45 -17.29
C LEU A 78 1.97 3.34 -17.05
N GLU A 79 1.27 2.93 -18.10
CA GLU A 79 0.24 1.92 -17.98
C GLU A 79 0.79 0.54 -17.69
N VAL A 80 0.17 -0.15 -16.75
CA VAL A 80 0.55 -1.53 -16.40
C VAL A 80 -0.69 -2.39 -16.39
N ARG A 81 -0.58 -3.57 -16.98
CA ARG A 81 -1.64 -4.59 -16.94
C ARG A 81 -1.17 -5.75 -16.07
N VAL A 82 -1.78 -5.88 -14.91
CA VAL A 82 -1.42 -6.91 -13.94
C VAL A 82 -2.61 -7.17 -13.03
N LEU A 83 -2.65 -8.33 -12.38
CA LEU A 83 -3.73 -8.68 -11.39
C LEU A 83 -5.11 -8.71 -12.03
N GLY A 84 -5.17 -8.89 -13.34
CA GLY A 84 -6.43 -8.90 -14.07
C GLY A 84 -7.01 -7.53 -14.41
N HIS A 85 -6.23 -6.46 -14.24
CA HIS A 85 -6.72 -5.09 -14.42
C HIS A 85 -5.69 -4.21 -15.13
N LYS A 86 -6.17 -3.10 -15.66
CA LYS A 86 -5.34 -2.05 -16.19
C LYS A 86 -5.12 -1.01 -15.08
N PHE A 87 -3.89 -0.56 -14.93
CA PHE A 87 -3.55 0.52 -13.99
C PHE A 87 -3.01 1.65 -14.87
N ARG A 88 -3.66 2.81 -14.89
CA ARG A 88 -3.24 3.83 -15.83
C ARG A 88 -1.88 4.44 -15.42
N ASN A 89 -1.52 4.32 -14.14
CA ASN A 89 -0.14 4.62 -13.71
C ASN A 89 0.13 3.66 -12.54
N PRO A 90 1.41 3.47 -12.21
CA PRO A 90 1.77 2.42 -11.24
C PRO A 90 1.92 2.92 -9.81
N VAL A 91 1.50 4.16 -9.52
CA VAL A 91 1.73 4.75 -8.21
C VAL A 91 0.43 4.79 -7.40
N GLY A 92 0.36 3.95 -6.38
CA GLY A 92 -0.81 3.88 -5.53
C GLY A 92 -0.62 4.47 -4.17
N ILE A 93 -1.74 4.67 -3.49
CA ILE A 93 -1.75 5.04 -2.09
C ILE A 93 -1.81 3.75 -1.27
N ALA A 94 -0.85 3.59 -0.37
CA ALA A 94 -0.75 2.39 0.46
C ALA A 94 -1.85 2.36 1.53
N ALA A 95 -2.13 1.17 2.01
CA ALA A 95 -3.08 0.97 3.10
C ALA A 95 -2.68 1.82 4.32
N GLY A 96 -3.70 2.27 5.03
CA GLY A 96 -3.53 2.93 6.28
C GLY A 96 -3.74 4.44 6.24
N PHE A 97 -3.84 4.98 5.05
CA PHE A 97 -4.16 6.40 4.91
C PHE A 97 -5.66 6.57 4.95
N ASP A 98 -6.36 5.90 4.03
CA ASP A 98 -7.82 5.83 4.07
C ASP A 98 -8.23 4.46 4.66
N LYS A 99 -8.15 4.37 5.98
CA LYS A 99 -8.49 3.11 6.64
C LYS A 99 -9.93 2.69 6.47
N HIS A 100 -10.86 3.65 6.36
CA HIS A 100 -12.27 3.34 6.44
C HIS A 100 -13.02 3.64 5.15
N GLY A 101 -12.31 3.87 4.04
CA GLY A 101 -12.97 4.13 2.75
C GLY A 101 -13.73 5.43 2.64
N GLU A 102 -13.20 6.48 3.25
CA GLU A 102 -13.82 7.80 3.28
C GLU A 102 -13.38 8.76 2.18
N ALA A 103 -12.30 8.41 1.47
CA ALA A 103 -11.62 9.38 0.64
C ALA A 103 -11.15 8.82 -0.67
N VAL A 104 -11.79 7.76 -1.13
CA VAL A 104 -11.33 7.06 -2.33
C VAL A 104 -11.33 7.98 -3.55
N ASP A 105 -12.43 8.68 -3.80
CA ASP A 105 -12.49 9.51 -4.99
C ASP A 105 -11.49 10.65 -4.97
N GLY A 106 -11.31 11.27 -3.82
CA GLY A 106 -10.31 12.32 -3.70
C GLY A 106 -8.89 11.81 -3.94
N LEU A 107 -8.61 10.55 -3.53
CA LEU A 107 -7.29 9.97 -3.77
C LEU A 107 -7.05 9.74 -5.26
N TYR A 108 -8.07 9.30 -6.00
CA TYR A 108 -7.90 9.28 -7.46
C TYR A 108 -7.68 10.69 -8.01
N LYS A 109 -8.38 11.69 -7.45
CA LYS A 109 -8.21 13.06 -7.93
C LYS A 109 -6.77 13.57 -7.67
N MET A 110 -6.10 13.07 -6.64
CA MET A 110 -4.69 13.42 -6.41
C MET A 110 -3.75 12.89 -7.47
N GLY A 111 -4.20 11.91 -8.25
CA GLY A 111 -3.39 11.34 -9.31
C GLY A 111 -2.92 9.91 -9.10
N PHE A 112 -3.31 9.27 -8.00
CA PHE A 112 -2.93 7.87 -7.74
C PHE A 112 -3.57 6.98 -8.80
N GLY A 113 -2.78 6.04 -9.32
CA GLY A 113 -3.26 5.04 -10.29
C GLY A 113 -4.14 3.94 -9.69
N PHE A 114 -4.09 3.79 -8.37
CA PHE A 114 -4.91 2.85 -7.65
C PHE A 114 -4.92 3.23 -6.18
N VAL A 115 -6.00 2.80 -5.52
CA VAL A 115 -6.20 3.13 -4.12
C VAL A 115 -6.38 1.85 -3.35
N GLU A 116 -5.71 1.73 -2.20
CA GLU A 116 -5.92 0.62 -1.28
C GLU A 116 -6.45 1.18 0.02
N ILE A 117 -7.64 0.76 0.39
CA ILE A 117 -8.24 1.14 1.67
C ILE A 117 -7.96 0.09 2.74
N GLY A 118 -8.20 0.47 3.99
CA GLY A 118 -7.97 -0.44 5.11
C GLY A 118 -6.68 -0.15 5.84
N SER A 119 -6.30 -1.04 6.76
CA SER A 119 -6.94 -2.31 7.05
C SER A 119 -8.30 -2.17 7.73
N VAL A 120 -9.24 -3.02 7.31
CA VAL A 120 -10.60 -3.07 7.86
C VAL A 120 -10.73 -4.35 8.68
N THR A 121 -11.20 -4.21 9.90
CA THR A 121 -11.46 -5.34 10.81
C THR A 121 -12.92 -5.74 10.77
N PRO A 122 -13.25 -7.00 11.11
CA PRO A 122 -14.67 -7.41 11.04
C PRO A 122 -15.61 -6.57 11.89
N LYS A 123 -15.30 -6.42 13.16
CA LYS A 123 -16.07 -5.57 14.05
C LYS A 123 -15.34 -4.25 14.17
N PRO A 124 -16.08 -3.16 14.47
CA PRO A 124 -15.38 -1.88 14.73
C PRO A 124 -14.48 -2.00 15.93
N GLN A 125 -13.35 -1.31 15.90
CA GLN A 125 -12.52 -1.28 17.08
C GLN A 125 -11.73 0.01 17.15
N GLU A 126 -11.42 0.43 18.35
CA GLU A 126 -10.85 1.75 18.56
C GLU A 126 -9.35 1.86 18.30
N GLY A 127 -8.64 0.75 18.34
CA GLY A 127 -7.20 0.79 18.24
C GLY A 127 -6.51 1.07 19.55
N ASN A 128 -5.21 1.33 19.46
CA ASN A 128 -4.42 1.60 20.66
C ASN A 128 -4.71 2.97 21.27
N PRO A 129 -4.39 3.12 22.56
CA PRO A 129 -4.47 4.44 23.18
C PRO A 129 -3.56 5.45 22.52
N ARG A 130 -3.98 6.70 22.52
CA ARG A 130 -3.16 7.82 22.09
C ARG A 130 -2.16 8.30 23.12
N PRO A 131 -1.02 8.84 22.72
CA PRO A 131 -0.59 9.05 21.32
C PRO A 131 -0.13 7.75 20.68
N ARG A 132 -0.34 7.66 19.38
CA ARG A 132 -0.04 6.42 18.68
C ARG A 132 0.56 6.63 17.30
N VAL A 133 0.91 7.86 16.97
CA VAL A 133 1.58 8.18 15.71
C VAL A 133 2.62 9.25 16.04
N PHE A 134 3.80 9.13 15.42
CA PHE A 134 4.96 9.94 15.77
C PHE A 134 5.74 10.29 14.53
N ARG A 135 6.08 11.58 14.33
CA ARG A 135 6.95 11.95 13.19
C ARG A 135 8.39 11.94 13.59
N LEU A 136 9.26 11.55 12.64
CA LEU A 136 10.72 11.63 12.76
C LEU A 136 11.17 12.47 11.57
N PRO A 137 11.01 13.79 11.68
CA PRO A 137 11.23 14.63 10.49
C PRO A 137 12.66 14.60 9.99
N GLU A 138 13.62 14.48 10.92
CA GLU A 138 15.04 14.45 10.57
C GLU A 138 15.40 13.19 9.73
N ASP A 139 14.56 12.17 9.80
CA ASP A 139 14.74 10.91 9.13
C ASP A 139 13.81 10.72 7.94
N GLN A 140 12.92 11.68 7.72
CA GLN A 140 11.81 11.52 6.75
C GLN A 140 11.06 10.22 6.99
N ALA A 141 10.69 10.00 8.26
CA ALA A 141 10.11 8.76 8.74
C ALA A 141 8.94 9.05 9.67
N VAL A 142 8.10 8.03 9.83
CA VAL A 142 7.01 8.00 10.81
C VAL A 142 7.11 6.69 11.57
N ILE A 143 6.66 6.71 12.83
CA ILE A 143 6.40 5.49 13.59
C ILE A 143 4.95 5.54 13.96
N ASN A 144 4.23 4.43 13.69
CA ASN A 144 2.84 4.37 14.13
C ASN A 144 2.54 3.05 14.87
N ARG A 145 1.61 3.15 15.83
CA ARG A 145 1.04 1.98 16.51
C ARG A 145 -0.48 2.21 16.62
N TYR A 146 -1.10 2.50 15.48
CA TYR A 146 -2.54 2.72 15.48
C TYR A 146 -3.28 1.54 16.09
N GLY A 147 -2.86 0.33 15.76
CA GLY A 147 -3.50 -0.88 16.31
C GLY A 147 -4.81 -1.26 15.61
N PHE A 148 -4.88 -1.02 14.29
CA PHE A 148 -6.06 -1.38 13.49
C PHE A 148 -7.33 -0.77 14.03
N ASN A 149 -7.28 0.54 14.27
CA ASN A 149 -8.47 1.33 14.43
C ASN A 149 -9.31 1.18 13.16
N SER A 150 -10.55 0.78 13.33
CA SER A 150 -11.36 0.47 12.16
C SER A 150 -12.85 0.72 12.45
N HIS A 151 -13.52 1.31 11.48
CA HIS A 151 -14.98 1.46 11.51
C HIS A 151 -15.70 0.10 11.32
N GLY A 152 -14.96 -0.92 10.86
CA GLY A 152 -15.48 -2.27 10.74
C GLY A 152 -16.09 -2.56 9.39
N LEU A 153 -16.25 -3.85 9.11
CA LEU A 153 -16.68 -4.26 7.77
C LEU A 153 -18.01 -3.67 7.32
N SER A 154 -18.98 -3.65 8.22
CA SER A 154 -20.34 -3.21 7.86
CA SER A 154 -20.34 -3.21 7.85
C SER A 154 -20.35 -1.75 7.41
N VAL A 155 -19.71 -0.89 8.21
CA VAL A 155 -19.64 0.51 7.81
C VAL A 155 -18.93 0.70 6.47
N VAL A 156 -17.78 0.05 6.29
CA VAL A 156 -17.03 0.18 5.06
C VAL A 156 -17.77 -0.42 3.87
N GLU A 157 -18.45 -1.56 4.09
CA GLU A 157 -19.29 -2.16 3.02
C GLU A 157 -20.32 -1.15 2.51
N HIS A 158 -21.01 -0.49 3.44
CA HIS A 158 -22.03 0.48 3.03
C HIS A 158 -21.43 1.71 2.33
N ARG A 159 -20.24 2.15 2.77
CA ARG A 159 -19.58 3.26 2.07
C ARG A 159 -19.19 2.90 0.66
N LEU A 160 -18.65 1.69 0.47
CA LEU A 160 -18.27 1.30 -0.86
C LEU A 160 -19.47 1.04 -1.74
N ARG A 161 -20.55 0.52 -1.18
CA ARG A 161 -21.76 0.26 -1.96
C ARG A 161 -22.33 1.55 -2.50
N ALA A 162 -22.16 2.64 -1.73
CA ALA A 162 -22.69 3.95 -2.14
C ALA A 162 -22.06 4.48 -3.44
N ARG A 163 -20.89 3.95 -3.80
CA ARG A 163 -20.14 4.41 -4.97
C ARG A 163 -19.67 3.25 -5.83
N GLN A 164 -20.38 2.11 -5.74
CA GLN A 164 -19.94 0.85 -6.37
C GLN A 164 -19.92 0.97 -7.89
N GLN A 165 -20.93 1.63 -8.48
CA GLN A 165 -20.95 1.85 -9.93
C GLN A 165 -19.95 2.81 -10.38
N LYS A 166 -19.73 3.88 -9.62
CA LYS A 166 -18.69 4.82 -9.98
C LYS A 166 -17.35 4.07 -9.98
N GLN A 167 -17.13 3.21 -8.96
CA GLN A 167 -15.88 2.43 -8.93
C GLN A 167 -15.76 1.49 -10.13
N ALA A 168 -16.85 0.85 -10.52
CA ALA A 168 -16.78 -0.01 -11.72
C ALA A 168 -16.25 0.75 -12.92
N LYS A 169 -16.73 1.99 -13.12
CA LYS A 169 -16.29 2.82 -14.28
C LYS A 169 -14.83 3.25 -14.10
N LEU A 170 -14.46 3.60 -12.89
CA LEU A 170 -13.07 3.96 -12.60
C LEU A 170 -12.11 2.82 -12.89
N THR A 171 -12.46 1.63 -12.44
CA THR A 171 -11.65 0.44 -12.70
C THR A 171 -11.52 0.18 -14.19
N GLU A 172 -12.64 0.31 -14.89
CA GLU A 172 -12.62 0.12 -16.36
C GLU A 172 -11.72 1.13 -17.06
N ASP A 173 -11.63 2.32 -16.49
CA ASP A 173 -10.77 3.39 -16.99
C ASP A 173 -9.32 3.33 -16.49
N GLY A 174 -8.97 2.27 -15.78
CA GLY A 174 -7.63 2.01 -15.33
C GLY A 174 -7.27 2.54 -13.93
N LEU A 175 -8.27 2.63 -13.07
CA LEU A 175 -8.11 3.12 -11.70
C LEU A 175 -8.69 2.14 -10.68
N PRO A 176 -7.98 1.00 -10.42
CA PRO A 176 -8.54 -0.05 -9.56
C PRO A 176 -8.53 0.27 -8.07
N LEU A 177 -9.31 -0.53 -7.35
CA LEU A 177 -9.46 -0.37 -5.91
C LEU A 177 -9.04 -1.66 -5.19
N GLY A 178 -8.21 -1.51 -4.19
CA GLY A 178 -7.79 -2.60 -3.33
C GLY A 178 -8.40 -2.42 -1.95
N VAL A 179 -8.60 -3.53 -1.26
CA VAL A 179 -9.10 -3.54 0.12
C VAL A 179 -8.23 -4.44 0.98
N ASN A 180 -7.67 -3.87 2.04
CA ASN A 180 -6.77 -4.58 2.95
C ASN A 180 -7.58 -5.01 4.16
N LEU A 181 -7.56 -6.31 4.44
CA LEU A 181 -8.37 -6.93 5.47
C LEU A 181 -7.52 -7.23 6.69
N GLY A 182 -8.02 -6.82 7.84
CA GLY A 182 -7.41 -7.06 9.11
C GLY A 182 -8.22 -7.99 9.99
N LYS A 183 -7.74 -8.16 11.20
CA LYS A 183 -8.44 -8.98 12.18
C LYS A 183 -8.60 -8.23 13.49
N ASN A 184 -9.67 -8.55 14.20
CA ASN A 184 -9.91 -7.92 15.49
C ASN A 184 -8.89 -8.37 16.53
N LYS A 185 -8.59 -7.46 17.46
CA LYS A 185 -7.67 -7.69 18.55
C LYS A 185 -8.00 -8.97 19.33
N THR A 186 -9.27 -9.18 19.62
CA THR A 186 -9.66 -10.28 20.48
C THR A 186 -9.98 -11.55 19.71
N SER A 187 -9.82 -11.57 18.40
CA SER A 187 -10.28 -12.76 17.68
C SER A 187 -9.42 -13.98 18.03
N VAL A 188 -10.06 -15.14 18.13
CA VAL A 188 -9.37 -16.41 18.41
C VAL A 188 -8.97 -17.17 17.14
N ASP A 189 -9.58 -16.85 16.02
CA ASP A 189 -9.19 -17.50 14.78
C ASP A 189 -9.06 -16.48 13.68
N ALA A 190 -7.81 -16.14 13.38
CA ALA A 190 -7.50 -15.17 12.33
C ALA A 190 -8.17 -15.52 11.00
N ALA A 191 -8.15 -16.80 10.65
CA ALA A 191 -8.71 -17.24 9.38
C ALA A 191 -10.16 -16.87 9.24
N GLU A 192 -10.94 -16.97 10.32
CA GLU A 192 -12.35 -16.61 10.25
C GLU A 192 -12.51 -15.09 10.09
N ASP A 193 -11.70 -14.29 10.75
CA ASP A 193 -11.77 -12.83 10.51
C ASP A 193 -11.48 -12.49 9.05
N TYR A 194 -10.43 -13.08 8.46
CA TYR A 194 -10.12 -12.82 7.06
C TYR A 194 -11.21 -13.33 6.14
N ALA A 195 -11.75 -14.51 6.43
CA ALA A 195 -12.84 -15.05 5.61
C ALA A 195 -14.06 -14.12 5.61
N GLU A 196 -14.39 -13.55 6.78
CA GLU A 196 -15.51 -12.61 6.88
C GLU A 196 -15.22 -11.39 5.98
N GLY A 197 -13.99 -10.88 6.02
CA GLY A 197 -13.63 -9.75 5.15
C GLY A 197 -13.76 -10.08 3.67
N VAL A 198 -13.34 -11.29 3.30
CA VAL A 198 -13.48 -11.75 1.89
C VAL A 198 -14.94 -11.73 1.47
N ARG A 199 -15.80 -12.33 2.30
N ARG A 199 -15.78 -12.32 2.33
CA ARG A 199 -17.21 -12.40 1.94
CA ARG A 199 -17.23 -12.39 2.10
C ARG A 199 -17.90 -11.02 1.89
C ARG A 199 -17.87 -11.03 1.88
N VAL A 200 -17.51 -10.08 2.75
CA VAL A 200 -18.18 -8.80 2.83
C VAL A 200 -17.61 -7.78 1.84
N LEU A 201 -16.30 -7.66 1.80
CA LEU A 201 -15.67 -6.64 0.92
C LEU A 201 -15.07 -7.15 -0.37
N GLY A 202 -14.83 -8.46 -0.48
CA GLY A 202 -14.38 -9.04 -1.71
C GLY A 202 -15.20 -8.65 -2.93
N PRO A 203 -16.55 -8.62 -2.80
CA PRO A 203 -17.39 -8.22 -3.97
C PRO A 203 -17.27 -6.78 -4.39
N LEU A 204 -16.63 -5.96 -3.56
CA LEU A 204 -16.47 -4.55 -3.82
C LEU A 204 -15.05 -4.14 -4.21
N ALA A 205 -14.15 -5.11 -4.28
CA ALA A 205 -12.74 -4.84 -4.47
C ALA A 205 -12.23 -5.43 -5.77
N ASP A 206 -11.25 -4.78 -6.38
CA ASP A 206 -10.45 -5.41 -7.43
C ASP A 206 -9.42 -6.37 -6.93
N TYR A 207 -8.84 -6.06 -5.78
CA TYR A 207 -7.93 -6.98 -5.08
C TYR A 207 -8.11 -6.83 -3.59
N LEU A 208 -7.91 -7.94 -2.90
CA LEU A 208 -7.92 -8.01 -1.45
C LEU A 208 -6.50 -8.25 -0.98
N VAL A 209 -6.19 -7.75 0.22
CA VAL A 209 -4.88 -7.98 0.83
C VAL A 209 -5.04 -8.60 2.23
N VAL A 210 -4.28 -9.63 2.51
CA VAL A 210 -4.13 -10.20 3.85
C VAL A 210 -2.71 -9.91 4.37
N ASN A 211 -2.52 -9.24 5.52
CA ASN A 211 -1.10 -9.08 6.08
C ASN A 211 -0.61 -10.35 6.78
N VAL A 212 0.60 -10.85 6.47
CA VAL A 212 1.13 -12.03 7.11
C VAL A 212 2.38 -11.60 7.91
N SER A 213 2.58 -12.18 9.09
CA SER A 213 3.76 -11.91 9.92
C SER A 213 4.57 -13.22 10.03
N SER A 214 5.71 -13.16 10.72
CA SER A 214 6.63 -14.31 10.81
C SER A 214 6.07 -15.61 11.46
N PRO A 215 6.13 -16.76 10.72
CA PRO A 215 5.98 -18.09 11.34
C PRO A 215 7.32 -18.75 11.66
N GLY A 225 4.06 -23.41 11.38
CA GLY A 225 4.10 -22.02 11.02
C GLY A 225 3.77 -21.93 9.53
N LYS A 226 4.55 -22.62 8.71
CA LYS A 226 4.25 -22.69 7.29
C LYS A 226 2.87 -23.33 7.07
N ALA A 227 2.60 -24.43 7.81
CA ALA A 227 1.31 -25.14 7.78
C ALA A 227 0.15 -24.22 8.17
N GLU A 228 0.40 -23.32 9.12
CA GLU A 228 -0.61 -22.35 9.56
C GLU A 228 -0.91 -21.30 8.48
N LEU A 229 0.14 -20.79 7.84
CA LEU A 229 -0.01 -19.90 6.69
C LEU A 229 -0.79 -20.59 5.56
N ARG A 230 -0.43 -21.83 5.24
CA ARG A 230 -1.14 -22.60 4.20
C ARG A 230 -2.64 -22.73 4.56
N ARG A 231 -2.94 -23.04 5.83
CA ARG A 231 -4.32 -23.15 6.29
C ARG A 231 -5.10 -21.85 6.09
N LEU A 232 -4.53 -20.77 6.60
CA LEU A 232 -5.15 -19.46 6.51
C LEU A 232 -5.40 -19.05 5.04
N LEU A 233 -4.36 -19.16 4.22
CA LEU A 233 -4.47 -18.72 2.82
C LEU A 233 -5.38 -19.63 2.00
N THR A 234 -5.41 -20.92 2.35
CA THR A 234 -6.37 -21.83 1.72
C THR A 234 -7.81 -21.38 1.98
N LYS A 235 -8.12 -21.03 3.23
CA LYS A 235 -9.45 -20.58 3.60
C LYS A 235 -9.79 -19.28 2.88
N VAL A 236 -8.85 -18.37 2.79
CA VAL A 236 -9.12 -17.09 2.13
C VAL A 236 -9.43 -17.32 0.63
N LEU A 237 -8.61 -18.13 -0.01
CA LEU A 237 -8.79 -18.45 -1.44
C LEU A 237 -10.09 -19.19 -1.74
N GLN A 238 -10.45 -20.13 -0.87
CA GLN A 238 -11.70 -20.87 -1.03
C GLN A 238 -12.88 -19.88 -0.93
N GLU A 239 -12.82 -18.96 0.05
CA GLU A 239 -13.89 -17.98 0.21
C GLU A 239 -13.95 -17.07 -1.02
N ARG A 240 -12.78 -16.62 -1.53
CA ARG A 240 -12.77 -15.78 -2.71
C ARG A 240 -13.36 -16.46 -3.95
N ASP A 241 -13.00 -17.73 -4.10
CA ASP A 241 -13.46 -18.55 -5.23
C ASP A 241 -14.94 -18.76 -5.18
N GLY A 242 -15.56 -18.60 -3.99
CA GLY A 242 -17.03 -18.71 -3.87
C GLY A 242 -17.79 -17.46 -4.32
N LEU A 243 -17.10 -16.37 -4.56
CA LEU A 243 -17.75 -15.16 -5.05
C LEU A 243 -18.04 -15.26 -6.56
N ARG A 244 -19.16 -14.66 -6.95
CA ARG A 244 -19.51 -14.59 -8.37
C ARG A 244 -18.40 -13.95 -9.20
N ARG A 245 -18.19 -14.46 -10.41
CA ARG A 245 -17.01 -14.08 -11.23
C ARG A 245 -16.83 -12.61 -11.41
N VAL A 246 -17.90 -11.90 -11.70
CA VAL A 246 -17.79 -10.43 -11.86
C VAL A 246 -17.46 -9.66 -10.58
N HIS A 247 -17.56 -10.33 -9.44
CA HIS A 247 -17.27 -9.77 -8.14
C HIS A 247 -16.16 -10.53 -7.44
N ARG A 248 -15.28 -11.19 -8.20
CA ARG A 248 -14.24 -12.02 -7.64
C ARG A 248 -12.88 -11.32 -7.75
N PRO A 249 -12.33 -10.92 -6.60
CA PRO A 249 -11.08 -10.16 -6.58
C PRO A 249 -9.81 -11.01 -6.64
N ALA A 250 -8.70 -10.40 -7.05
CA ALA A 250 -7.38 -10.98 -6.79
C ALA A 250 -7.11 -10.97 -5.28
N VAL A 251 -6.26 -11.89 -4.80
CA VAL A 251 -5.84 -11.97 -3.42
C VAL A 251 -4.32 -11.85 -3.35
N LEU A 252 -3.86 -10.87 -2.55
CA LEU A 252 -2.45 -10.64 -2.33
C LEU A 252 -2.12 -10.79 -0.86
N VAL A 253 -0.88 -11.17 -0.59
CA VAL A 253 -0.35 -11.29 0.77
C VAL A 253 0.64 -10.14 0.96
N LYS A 254 0.46 -9.41 2.04
CA LYS A 254 1.36 -8.28 2.39
C LYS A 254 2.27 -8.70 3.53
N ILE A 255 3.57 -8.57 3.29
CA ILE A 255 4.56 -9.01 4.26
C ILE A 255 5.31 -7.85 4.86
N ALA A 256 5.78 -8.10 6.06
CA ALA A 256 6.74 -7.25 6.72
C ALA A 256 8.14 -7.40 6.16
N PRO A 257 9.01 -6.43 6.44
CA PRO A 257 10.38 -6.59 6.08
C PRO A 257 11.15 -7.37 7.13
N ASP A 258 10.51 -7.72 8.24
CA ASP A 258 11.17 -8.28 9.42
C ASP A 258 11.24 -9.80 9.48
N LEU A 259 11.19 -10.41 8.34
CA LEU A 259 11.15 -11.84 8.19
C LEU A 259 12.54 -12.45 8.09
N THR A 260 12.69 -13.67 8.61
CA THR A 260 13.91 -14.42 8.43
C THR A 260 13.96 -14.91 6.99
N SER A 261 15.12 -15.36 6.54
CA SER A 261 15.24 -15.99 5.21
C SER A 261 14.32 -17.22 5.12
N GLN A 262 14.21 -17.97 6.22
N GLN A 262 14.21 -17.96 6.22
CA GLN A 262 13.33 -19.14 6.23
CA GLN A 262 13.36 -19.13 6.25
C GLN A 262 11.88 -18.71 6.02
C GLN A 262 11.88 -18.73 6.06
N ASP A 263 11.46 -17.64 6.70
CA ASP A 263 10.11 -17.14 6.57
C ASP A 263 9.80 -16.76 5.11
N LYS A 264 10.74 -16.06 4.46
CA LYS A 264 10.53 -15.63 3.09
C LYS A 264 10.42 -16.83 2.13
N GLU A 265 11.28 -17.80 2.34
N GLU A 265 11.31 -17.82 2.31
CA GLU A 265 11.28 -19.01 1.56
CA GLU A 265 11.32 -19.02 1.45
C GLU A 265 9.94 -19.70 1.64
C GLU A 265 10.00 -19.80 1.64
N ASP A 266 9.50 -19.85 2.88
CA ASP A 266 8.23 -20.54 3.19
C ASP A 266 7.03 -19.78 2.58
N ILE A 267 7.01 -18.46 2.72
CA ILE A 267 5.96 -17.65 2.12
C ILE A 267 5.91 -17.79 0.59
N ALA A 268 7.09 -17.76 -0.03
CA ALA A 268 7.18 -17.90 -1.45
C ALA A 268 6.65 -19.27 -1.88
N SER A 269 6.99 -20.32 -1.13
CA SER A 269 6.54 -21.66 -1.46
C SER A 269 5.01 -21.79 -1.40
N VAL A 270 4.45 -21.30 -0.30
CA VAL A 270 3.02 -21.34 -0.10
C VAL A 270 2.29 -20.52 -1.15
N VAL A 271 2.78 -19.32 -1.43
CA VAL A 271 2.13 -18.46 -2.45
C VAL A 271 2.07 -19.17 -3.80
N LYS A 272 3.18 -19.80 -4.19
CA LYS A 272 3.20 -20.54 -5.46
C LYS A 272 2.29 -21.77 -5.44
N GLU A 273 2.35 -22.52 -4.34
CA GLU A 273 1.56 -23.78 -4.19
C GLU A 273 0.04 -23.49 -4.30
N LEU A 274 -0.39 -22.42 -3.66
CA LEU A 274 -1.79 -22.11 -3.56
C LEU A 274 -2.34 -21.25 -4.69
N GLY A 275 -1.49 -20.62 -5.49
CA GLY A 275 -1.97 -19.73 -6.54
C GLY A 275 -2.40 -18.35 -6.03
N ILE A 276 -1.76 -17.87 -4.97
CA ILE A 276 -1.94 -16.46 -4.54
C ILE A 276 -1.58 -15.55 -5.72
N ASP A 277 -2.35 -14.47 -5.90
CA ASP A 277 -2.23 -13.63 -7.08
C ASP A 277 -1.08 -12.63 -7.05
N GLY A 278 -0.63 -12.25 -5.86
CA GLY A 278 0.48 -11.28 -5.76
C GLY A 278 0.92 -11.09 -4.32
N LEU A 279 1.95 -10.28 -4.17
CA LEU A 279 2.57 -9.94 -2.88
C LEU A 279 2.64 -8.42 -2.80
N ILE A 280 2.49 -7.90 -1.59
CA ILE A 280 2.76 -6.48 -1.29
C ILE A 280 3.96 -6.50 -0.36
N VAL A 281 4.97 -5.76 -0.74
CA VAL A 281 6.29 -5.87 -0.16
C VAL A 281 6.80 -4.42 -0.01
N THR A 282 6.77 -3.76 1.18
CA THR A 282 6.52 -4.30 2.49
C THR A 282 5.64 -3.36 3.32
N ASN A 283 5.20 -3.94 4.44
CA ASN A 283 4.65 -3.21 5.55
C ASN A 283 5.79 -2.44 6.28
N THR A 284 5.44 -1.77 7.38
CA THR A 284 6.44 -1.09 8.21
C THR A 284 7.34 -2.07 8.92
N THR A 285 8.46 -1.55 9.47
CA THR A 285 9.41 -2.34 10.19
C THR A 285 9.43 -2.07 11.68
N VAL A 286 9.56 -3.13 12.44
CA VAL A 286 9.82 -3.05 13.88
C VAL A 286 11.31 -2.93 14.22
N SER A 287 12.16 -2.96 13.21
CA SER A 287 13.58 -2.66 13.37
C SER A 287 13.74 -1.15 13.50
N ARG A 288 14.91 -0.79 14.02
CA ARG A 288 15.30 0.60 14.14
C ARG A 288 16.70 0.67 13.60
N PRO A 289 16.83 0.97 12.31
CA PRO A 289 18.11 1.01 11.67
C PRO A 289 19.03 1.97 12.43
N ALA A 290 20.32 1.66 12.48
CA ALA A 290 21.27 2.61 13.03
C ALA A 290 21.16 3.86 12.18
N GLY A 291 21.38 5.00 12.81
CA GLY A 291 21.33 6.26 12.15
C GLY A 291 20.12 7.11 12.35
N LEU A 292 19.03 6.56 12.86
CA LEU A 292 17.83 7.35 13.11
C LEU A 292 18.19 8.47 14.06
N GLN A 293 17.78 9.68 13.72
CA GLN A 293 18.00 10.88 14.51
C GLN A 293 16.80 11.40 15.28
N GLY A 294 15.58 11.12 14.82
CA GLY A 294 14.39 11.68 15.46
C GLY A 294 14.35 11.33 16.95
N ALA A 295 13.92 12.33 17.73
CA ALA A 295 13.80 12.15 19.16
C ALA A 295 12.87 10.98 19.52
N LEU A 296 11.90 10.69 18.63
CA LEU A 296 10.89 9.67 18.93
C LEU A 296 11.21 8.26 18.36
N ARG A 297 12.48 8.06 18.00
CA ARG A 297 12.91 6.83 17.36
C ARG A 297 12.65 5.55 18.18
N SER A 298 12.56 5.67 19.50
CA SER A 298 12.37 4.49 20.37
C SER A 298 10.93 4.25 20.79
N GLU A 299 9.99 5.00 20.22
CA GLU A 299 8.58 4.68 20.35
C GLU A 299 8.30 3.33 19.72
N THR A 300 7.43 2.55 20.35
CA THR A 300 6.91 1.27 19.79
CA THR A 300 7.01 1.28 19.74
C THR A 300 6.11 1.52 18.54
N GLY A 301 6.25 0.65 17.57
CA GLY A 301 5.41 0.68 16.40
C GLY A 301 6.18 0.39 15.14
N GLY A 302 5.51 0.57 14.02
CA GLY A 302 6.10 0.34 12.72
C GLY A 302 6.71 1.60 12.16
N LEU A 303 7.94 1.47 11.71
CA LEU A 303 8.68 2.57 11.08
C LEU A 303 8.51 2.54 9.57
N SER A 304 8.18 3.70 8.99
CA SER A 304 7.94 3.89 7.56
C SER A 304 8.81 5.03 7.03
N GLY A 305 8.79 5.23 5.73
CA GLY A 305 9.56 6.33 5.13
C GLY A 305 10.98 5.95 4.73
N LYS A 306 11.86 6.95 4.66
CA LYS A 306 13.18 6.75 4.06
C LYS A 306 14.02 5.66 4.71
N PRO A 307 13.93 5.48 6.04
CA PRO A 307 14.76 4.41 6.61
C PRO A 307 14.33 3.00 6.24
N LEU A 308 13.10 2.86 5.78
CA LEU A 308 12.57 1.58 5.31
C LEU A 308 12.88 1.32 3.84
N ARG A 309 13.24 2.35 3.09
CA ARG A 309 13.28 2.26 1.62
C ARG A 309 14.07 1.06 1.06
N ASP A 310 15.33 0.98 1.45
CA ASP A 310 16.19 -0.03 0.87
C ASP A 310 15.97 -1.41 1.46
N LEU A 311 15.54 -1.48 2.70
CA LEU A 311 15.11 -2.76 3.27
C LEU A 311 13.93 -3.33 2.45
N SER A 312 12.98 -2.46 2.11
CA SER A 312 11.85 -2.85 1.27
CA SER A 312 11.85 -2.86 1.27
C SER A 312 12.31 -3.29 -0.13
N THR A 313 13.13 -2.49 -0.75
CA THR A 313 13.63 -2.82 -2.12
C THR A 313 14.32 -4.18 -2.13
N GLN A 314 15.17 -4.42 -1.13
N GLN A 314 15.18 -4.44 -1.14
CA GLN A 314 15.84 -5.70 -1.02
CA GLN A 314 15.86 -5.72 -1.10
C GLN A 314 14.86 -6.86 -0.86
C GLN A 314 14.88 -6.90 -0.84
N THR A 315 13.81 -6.64 -0.08
CA THR A 315 12.79 -7.68 0.14
C THR A 315 12.06 -7.96 -1.16
N ILE A 316 11.77 -6.94 -1.94
CA ILE A 316 11.17 -7.12 -3.28
C ILE A 316 12.09 -8.00 -4.13
N ARG A 317 13.37 -7.66 -4.16
CA ARG A 317 14.33 -8.39 -4.98
C ARG A 317 14.31 -9.89 -4.60
N GLU A 318 14.31 -10.14 -3.30
CA GLU A 318 14.31 -11.51 -2.80
C GLU A 318 13.02 -12.25 -3.16
N MET A 319 11.89 -11.61 -2.95
CA MET A 319 10.62 -12.26 -3.24
C MET A 319 10.41 -12.50 -4.73
N TYR A 320 10.90 -11.57 -5.57
CA TYR A 320 10.81 -11.74 -7.02
C TYR A 320 11.59 -12.99 -7.40
N ALA A 321 12.82 -13.09 -6.90
CA ALA A 321 13.62 -14.26 -7.23
C ALA A 321 13.02 -15.57 -6.70
N LEU A 322 12.54 -15.56 -5.45
CA LEU A 322 11.94 -16.77 -4.86
C LEU A 322 10.67 -17.25 -5.60
N THR A 323 10.01 -16.34 -6.31
CA THR A 323 8.83 -16.65 -7.09
C THR A 323 9.07 -16.68 -8.59
N GLN A 324 10.34 -16.66 -8.99
CA GLN A 324 10.77 -16.78 -10.39
C GLN A 324 10.16 -15.70 -11.29
N GLY A 325 9.86 -14.54 -10.69
CA GLY A 325 9.23 -13.46 -11.41
C GLY A 325 7.81 -13.71 -11.86
N ARG A 326 7.19 -14.78 -11.38
CA ARG A 326 5.86 -15.16 -11.86
C ARG A 326 4.70 -14.63 -11.00
N VAL A 327 5.01 -13.98 -9.86
CA VAL A 327 4.01 -13.48 -8.92
C VAL A 327 4.15 -11.94 -8.86
N PRO A 328 3.13 -11.23 -9.30
CA PRO A 328 3.20 -9.77 -9.27
C PRO A 328 3.45 -9.24 -7.86
N ILE A 329 4.30 -8.24 -7.78
CA ILE A 329 4.67 -7.60 -6.52
C ILE A 329 4.30 -6.11 -6.60
N ILE A 330 3.64 -5.65 -5.55
CA ILE A 330 3.42 -4.22 -5.32
C ILE A 330 4.48 -3.80 -4.31
N GLY A 331 5.36 -2.90 -4.73
CA GLY A 331 6.51 -2.48 -3.93
C GLY A 331 6.20 -1.24 -3.14
N VAL A 332 6.53 -1.24 -1.85
N VAL A 332 6.50 -1.26 -1.85
CA VAL A 332 6.11 -0.12 -0.98
CA VAL A 332 6.09 -0.20 -0.92
C VAL A 332 7.08 -0.02 0.20
C VAL A 332 7.20 -0.03 0.11
N GLY A 333 7.46 1.21 0.50
CA GLY A 333 8.36 1.54 1.59
C GLY A 333 9.34 2.60 1.13
N GLY A 334 9.16 3.79 1.68
CA GLY A 334 10.05 4.91 1.40
C GLY A 334 10.14 5.46 -0.01
N VAL A 335 9.08 5.33 -0.79
CA VAL A 335 9.06 5.96 -2.11
C VAL A 335 8.67 7.43 -2.02
N SER A 336 9.59 8.32 -2.44
CA SER A 336 9.25 9.75 -2.57
C SER A 336 9.78 10.40 -3.87
N SER A 337 10.34 9.62 -4.80
CA SER A 337 10.85 10.13 -6.03
C SER A 337 10.67 9.10 -7.13
N GLY A 338 10.87 9.54 -8.35
CA GLY A 338 10.93 8.64 -9.47
C GLY A 338 12.02 7.60 -9.35
N GLN A 339 13.19 8.02 -8.86
CA GLN A 339 14.27 7.05 -8.65
C GLN A 339 13.85 5.97 -7.67
N ASP A 340 13.25 6.36 -6.55
CA ASP A 340 12.82 5.38 -5.59
C ASP A 340 11.83 4.37 -6.24
N ALA A 341 10.89 4.91 -7.04
CA ALA A 341 9.89 4.04 -7.69
C ALA A 341 10.57 3.11 -8.68
N LEU A 342 11.44 3.66 -9.52
CA LEU A 342 12.10 2.84 -10.54
C LEU A 342 13.01 1.79 -9.93
N GLU A 343 13.68 2.10 -8.83
CA GLU A 343 14.48 1.05 -8.15
C GLU A 343 13.63 -0.17 -7.75
N LYS A 344 12.43 0.11 -7.22
CA LYS A 344 11.55 -0.97 -6.82
C LYS A 344 11.08 -1.76 -8.05
N ILE A 345 10.68 -1.04 -9.10
CA ILE A 345 10.23 -1.67 -10.35
C ILE A 345 11.33 -2.55 -10.93
N ARG A 346 12.55 -2.03 -11.00
CA ARG A 346 13.67 -2.84 -11.53
C ARG A 346 13.99 -4.03 -10.65
N ALA A 347 13.75 -3.91 -9.34
CA ALA A 347 13.96 -5.02 -8.41
C ALA A 347 12.91 -6.11 -8.54
N GLY A 348 11.79 -5.77 -9.18
CA GLY A 348 10.70 -6.74 -9.36
C GLY A 348 9.28 -6.30 -9.14
N ALA A 349 9.06 -5.05 -8.74
CA ALA A 349 7.71 -4.57 -8.54
C ALA A 349 7.04 -4.23 -9.85
N SER A 350 5.77 -4.67 -9.99
CA SER A 350 4.91 -4.24 -11.12
C SER A 350 4.23 -2.91 -10.87
N LEU A 351 3.96 -2.62 -9.58
CA LEU A 351 3.30 -1.40 -9.15
C LEU A 351 4.03 -0.94 -7.87
N VAL A 352 3.88 0.31 -7.51
CA VAL A 352 4.41 0.80 -6.22
C VAL A 352 3.31 1.52 -5.46
N GLN A 353 3.50 1.64 -4.15
CA GLN A 353 2.69 2.50 -3.33
C GLN A 353 3.54 3.43 -2.50
N LEU A 354 2.91 4.51 -2.04
CA LEU A 354 3.54 5.35 -1.06
C LEU A 354 2.50 5.81 -0.04
N TYR A 355 3.03 6.23 1.11
CA TYR A 355 2.22 6.84 2.15
C TYR A 355 3.01 7.95 2.85
N THR A 356 4.10 7.59 3.51
CA THR A 356 4.84 8.57 4.29
C THR A 356 5.24 9.81 3.50
N ALA A 357 5.63 9.66 2.24
CA ALA A 357 5.98 10.84 1.44
C ALA A 357 4.84 11.83 1.30
N LEU A 358 3.61 11.33 1.22
CA LEU A 358 2.44 12.21 1.16
C LEU A 358 2.34 13.08 2.43
N THR A 359 2.69 12.49 3.57
CA THR A 359 2.60 13.20 4.83
C THR A 359 3.58 14.33 4.93
N PHE A 360 4.76 14.22 4.32
CA PHE A 360 5.73 15.30 4.31
C PHE A 360 5.62 16.29 3.16
N TRP A 361 5.33 15.81 1.94
CA TRP A 361 5.34 16.66 0.76
C TRP A 361 3.95 17.11 0.35
N GLY A 362 2.93 16.44 0.85
CA GLY A 362 1.57 16.72 0.47
C GLY A 362 1.19 16.17 -0.89
N PRO A 363 -0.04 16.47 -1.32
CA PRO A 363 -0.59 15.88 -2.55
C PRO A 363 0.26 16.04 -3.80
N PRO A 364 1.00 17.16 -3.96
CA PRO A 364 1.82 17.25 -5.20
C PRO A 364 2.89 16.17 -5.36
N VAL A 365 3.22 15.42 -4.30
CA VAL A 365 4.25 14.38 -4.41
C VAL A 365 3.85 13.32 -5.43
N VAL A 366 2.53 13.15 -5.65
CA VAL A 366 2.06 12.09 -6.56
C VAL A 366 2.51 12.42 -7.98
N GLY A 367 2.21 13.64 -8.43
CA GLY A 367 2.61 14.07 -9.76
C GLY A 367 4.14 14.10 -9.88
N LYS A 368 4.83 14.44 -8.80
CA LYS A 368 6.29 14.48 -8.82
C LYS A 368 6.87 13.11 -9.13
N VAL A 369 6.43 12.11 -8.37
CA VAL A 369 6.93 10.76 -8.56
C VAL A 369 6.63 10.26 -9.97
N LYS A 370 5.41 10.50 -10.46
CA LYS A 370 5.04 10.08 -11.83
C LYS A 370 5.90 10.73 -12.91
N ARG A 371 6.06 12.05 -12.79
CA ARG A 371 6.86 12.81 -13.77
C ARG A 371 8.31 12.32 -13.79
N GLU A 372 8.87 12.16 -12.62
CA GLU A 372 10.26 11.70 -12.49
C GLU A 372 10.44 10.28 -13.00
N LEU A 373 9.48 9.42 -12.69
CA LEU A 373 9.54 8.04 -13.17
C LEU A 373 9.50 7.98 -14.69
N GLU A 374 8.60 8.73 -15.32
CA GLU A 374 8.56 8.75 -16.78
C GLU A 374 9.88 9.21 -17.38
N ALA A 375 10.45 10.29 -16.83
CA ALA A 375 11.72 10.83 -17.31
C ALA A 375 12.86 9.79 -17.18
N LEU A 376 12.91 9.08 -16.05
CA LEU A 376 13.94 8.07 -15.83
C LEU A 376 13.77 6.85 -16.74
N LEU A 377 12.51 6.45 -16.97
CA LEU A 377 12.25 5.37 -17.93
C LEU A 377 12.81 5.71 -19.30
N LYS A 378 12.51 6.92 -19.77
CA LYS A 378 13.03 7.39 -21.05
C LYS A 378 14.55 7.42 -21.07
N GLU A 379 15.14 7.99 -20.02
CA GLU A 379 16.60 8.11 -19.94
C GLU A 379 17.32 6.76 -19.95
N GLN A 380 16.72 5.75 -19.32
CA GLN A 380 17.32 4.40 -19.25
C GLN A 380 16.97 3.52 -20.45
N GLY A 381 16.19 4.03 -21.41
CA GLY A 381 15.90 3.33 -22.66
C GLY A 381 14.73 2.36 -22.58
N PHE A 382 13.89 2.46 -21.55
CA PHE A 382 12.71 1.61 -21.46
C PHE A 382 11.58 2.16 -22.26
N GLY A 383 10.82 1.28 -22.92
CA GLY A 383 9.59 1.70 -23.61
C GLY A 383 8.46 2.12 -22.67
N GLY A 384 8.46 1.55 -21.49
CA GLY A 384 7.44 1.85 -20.50
C GLY A 384 7.75 1.10 -19.22
N VAL A 385 6.89 1.27 -18.23
CA VAL A 385 7.06 0.62 -16.94
C VAL A 385 7.20 -0.87 -17.11
N THR A 386 6.35 -1.44 -17.97
CA THR A 386 6.33 -2.88 -18.16
C THR A 386 7.71 -3.47 -18.49
N ASP A 387 8.44 -2.81 -19.39
CA ASP A 387 9.76 -3.27 -19.83
C ASP A 387 10.80 -3.23 -18.70
N ALA A 388 10.57 -2.40 -17.68
CA ALA A 388 11.52 -2.23 -16.55
C ALA A 388 11.28 -3.20 -15.42
N ILE A 389 10.10 -3.86 -15.37
CA ILE A 389 9.79 -4.72 -14.25
C ILE A 389 10.78 -5.88 -14.15
N GLY A 390 11.48 -5.96 -13.01
CA GLY A 390 12.50 -7.00 -12.80
C GLY A 390 13.76 -6.87 -13.64
N ALA A 391 13.98 -5.72 -14.27
CA ALA A 391 15.13 -5.55 -15.14
C ALA A 391 16.48 -5.81 -14.51
N ASP A 392 16.62 -5.55 -13.20
CA ASP A 392 17.92 -5.78 -12.57
C ASP A 392 18.30 -7.25 -12.57
N HIS A 393 17.30 -8.13 -12.60
CA HIS A 393 17.53 -9.57 -12.58
C HIS A 393 18.03 -10.13 -13.90
N ARG A 394 17.92 -9.34 -14.96
CA ARG A 394 18.34 -9.74 -16.30
C ARG A 394 19.74 -9.22 -16.67
N ARG A 395 20.34 -8.42 -15.79
CA ARG A 395 21.74 -7.93 -15.93
C ARG A 395 22.82 -9.01 -15.70
C2 DUH B . -5.30 17.59 1.04
C3 DUH B . -4.46 16.91 2.11
C4 DUH B . -3.40 17.62 2.61
C5 DUH B . -3.11 19.04 2.19
C6 DUH B . -3.88 19.59 1.23
C7 DUH B . -5.02 18.83 0.63
C10 DUH B . -2.61 16.94 3.68
C11 DUH B . -2.00 15.78 3.48
C12 DUH B . -1.30 15.13 4.60
C13 DUH B . -1.23 15.73 5.79
C14 DUH B . -1.89 17.05 5.99
C15 DUH B . -2.52 17.60 5.01
F16 DUH B . -0.69 13.95 4.36
F17 DUH B . -2.04 15.15 2.31
F18 DUH B . -3.14 18.79 5.19
F19 DUH B . -1.80 17.59 7.21
N20 DUH B . -0.53 15.14 6.87
C22 DUH B . -0.90 13.84 7.33
O23 DUH B . -1.76 13.23 6.75
C25 DUH B . 0.04 13.28 8.37
C26 DUH B . 1.08 13.98 8.98
N27 DUH B . 1.83 13.18 9.76
N28 DUH B . 1.21 11.94 9.53
C29 DUH B . 0.11 11.98 8.70
C30 DUH B . -0.59 10.82 8.39
C31 DUH B . -0.19 9.59 9.00
C32 DUH B . 0.96 9.57 9.88
C33 DUH B . 1.66 10.75 10.15
O34 DUH B . 1.39 15.28 8.90
CL CL C . 17.16 5.87 21.81
CL CL D . -24.13 -18.03 -9.16
N1 FMN E . -0.45 -1.10 6.24
C2 FMN E . -1.50 -1.94 6.27
O2 FMN E . -1.43 -2.98 5.58
N3 FMN E . -2.63 -1.66 6.95
C4 FMN E . -2.81 -0.56 7.71
O4 FMN E . -3.88 -0.32 8.30
C4A FMN E . -1.68 0.37 7.80
N5 FMN E . -1.71 1.49 8.57
C5A FMN E . -0.69 2.38 8.50
C6 FMN E . -0.71 3.59 9.19
C7 FMN E . 0.30 4.52 9.14
C7M FMN E . 0.20 5.83 9.91
C8 FMN E . 1.44 4.24 8.31
C8M FMN E . 2.57 5.25 8.19
C9 FMN E . 1.46 3.07 7.58
C9A FMN E . 0.47 2.13 7.66
N10 FMN E . 0.57 0.91 6.96
C10 FMN E . -0.52 0.04 6.96
C1' FMN E . 1.74 0.57 6.13
C2' FMN E . 1.78 1.22 4.78
O2' FMN E . 0.73 0.67 3.95
C3' FMN E . 3.12 0.98 4.09
O3' FMN E . 3.24 -0.45 3.90
C4' FMN E . 4.34 1.53 4.86
O4' FMN E . 4.00 2.73 5.56
C5' FMN E . 5.53 1.75 3.91
O5' FMN E . 5.27 2.76 2.94
P FMN E . 5.82 4.27 3.16
O1P FMN E . 4.89 4.92 4.19
O2P FMN E . 5.64 4.89 1.77
O3P FMN E . 7.24 4.20 3.59
C ACT F . -14.63 -2.84 -9.43
O ACT F . -13.93 -3.29 -10.35
OXT ACT F . -15.72 -2.34 -9.72
CH3 ACT F . -14.21 -3.00 -8.00
C ACT G . -7.24 -20.85 -6.45
O ACT G . -8.11 -19.98 -6.11
OXT ACT G . -5.98 -20.63 -6.68
CH3 ACT G . -7.74 -22.25 -6.59
C ACT H . -17.15 -19.73 -11.89
O ACT H . -17.86 -19.87 -12.96
OXT ACT H . -15.87 -19.51 -11.94
CH3 ACT H . -17.83 -19.76 -10.52
C ACT I . 18.15 6.49 4.97
O ACT I . 18.65 5.41 4.60
OXT ACT I . 17.14 6.64 5.70
CH3 ACT I . 18.76 7.72 4.49
C ACT J . 6.61 29.10 6.81
O ACT J . 6.26 29.04 5.61
OXT ACT J . 7.58 28.44 7.19
CH3 ACT J . 5.86 29.95 7.80
C ACT K . 0.61 3.24 25.20
O ACT K . 0.39 2.28 24.41
OXT ACT K . 1.07 3.03 26.33
CH3 ACT K . 0.31 4.69 24.86
N1 ORO L . 0.30 0.07 11.22
C2 ORO L . 1.20 -0.38 10.30
O2 ORO L . 2.28 0.18 10.15
N3 ORO L . 0.90 -1.44 9.48
C4 ORO L . -0.30 -2.06 9.58
O4 ORO L . -0.50 -3.06 8.89
C5 ORO L . -1.24 -1.65 10.53
C6 ORO L . -0.89 -0.57 11.31
C7 ORO L . -1.78 -0.12 12.43
O71 ORO L . -3.01 -0.03 12.33
O72 ORO L . -1.21 0.07 13.54
C1 GOL M . -0.45 -15.64 -10.36
O1 GOL M . -0.05 -15.08 -11.61
C2 GOL M . -0.98 -17.06 -10.57
O2 GOL M . -0.13 -17.99 -9.90
C3 GOL M . -2.38 -17.25 -10.02
O3 GOL M . -2.94 -18.41 -10.64
C1 GOL N . -7.04 12.92 -11.79
O1 GOL N . -6.97 14.37 -11.83
C2 GOL N . -8.40 12.36 -12.25
O2 GOL N . -8.17 11.40 -13.28
C3 GOL N . -9.21 11.62 -11.18
O3 GOL N . -10.27 10.79 -11.69
C1 GOL O . -10.05 6.30 21.55
O1 GOL O . -9.37 6.81 20.43
C2 GOL O . -9.02 5.73 22.50
O2 GOL O . -8.43 4.56 21.93
C3 GOL O . -9.64 5.43 23.88
O3 GOL O . -9.19 4.15 24.37
C1 GOL P . -20.18 -7.83 9.72
O1 GOL P . -20.99 -8.39 8.66
C2 GOL P . -19.80 -8.90 10.73
O2 GOL P . -18.58 -9.54 10.39
C3 GOL P . -19.63 -8.35 12.14
O3 GOL P . -18.96 -9.35 12.94
C1 PGE Q . -12.17 5.01 14.72
O1 PGE Q . -10.87 5.20 14.10
C2 PGE Q . -12.54 3.53 14.97
O2 PGE Q . -13.62 3.47 15.93
C3 PGE Q . -14.90 3.11 15.41
C4 PGE Q . -15.82 2.99 16.61
O4 PGE Q . -16.38 -0.51 19.70
C6 PGE Q . -15.64 0.68 19.48
C5 PGE Q . -16.34 1.56 18.44
O3 PGE Q . -15.41 1.88 17.40
C1 PGE R . -20.91 6.36 11.78
O1 PGE R . -21.92 5.84 10.90
C2 PGE R . -19.58 6.39 11.04
O2 PGE R . -18.52 6.06 11.94
C3 PGE R . -18.35 4.66 12.15
C4 PGE R . -18.05 4.32 13.61
O4 PGE R . -20.59 1.67 15.36
C6 PGE R . -19.20 1.97 15.34
C5 PGE R . -18.72 2.01 13.89
O3 PGE R . -17.66 2.95 13.73
C1 PGE S . -8.69 17.05 13.49
O1 PGE S . -8.17 18.33 13.88
C2 PGE S . -9.34 16.37 14.71
O2 PGE S . -8.83 15.03 14.88
C3 PGE S . -8.92 14.47 16.20
C4 PGE S . -7.78 13.47 16.44
O4 PGE S . -3.92 13.19 19.20
C6 PGE S . -5.29 13.59 19.15
C5 PGE S . -5.86 13.15 17.81
O3 PGE S . -7.17 13.68 17.71
C1 PGE T . 5.43 -11.93 -17.04
O1 PGE T . 4.76 -10.65 -17.10
C2 PGE T . 5.57 -12.42 -15.60
O2 PGE T . 4.28 -12.59 -14.96
C3 PGE T . 4.10 -11.94 -13.68
C4 PGE T . 3.61 -10.50 -13.74
O4 PGE T . 3.36 -7.25 -16.81
C6 PGE T . 2.94 -8.12 -15.76
C5 PGE T . 3.93 -8.25 -14.59
O3 PGE T . 4.44 -9.60 -14.48
C1 PGE U . -5.97 -12.39 -11.40
O1 PGE U . -5.56 -12.66 -12.74
C2 PGE U . -6.80 -13.55 -10.86
O2 PGE U . -8.14 -13.12 -10.66
C3 PGE U . -8.99 -14.06 -10.04
C4 PGE U . -10.32 -13.33 -10.01
O4 PGE U . -12.50 -14.75 -13.12
C6 PGE U . -12.88 -13.44 -12.68
C5 PGE U . -11.72 -12.79 -11.94
O3 PGE U . -11.12 -13.78 -11.11
C1 PGE V . 28.18 -8.02 9.99
O1 PGE V . 28.92 -6.84 10.33
C2 PGE V . 29.12 -9.06 9.35
O2 PGE V . 28.44 -10.31 9.27
C3 PGE V . 27.97 -10.75 7.99
C4 PGE V . 26.43 -10.90 7.92
O4 PGE V . 23.16 -7.94 7.12
C6 PGE V . 23.98 -8.84 7.89
C5 PGE V . 24.36 -10.07 7.07
O3 PGE V . 25.78 -10.17 6.86
#